data_6Q8K
#
_entry.id   6Q8K
#
_cell.length_a   72.848
_cell.length_b   64.300
_cell.length_c   86.339
_cell.angle_alpha   90.00
_cell.angle_beta   109.98
_cell.angle_gamma   90.00
#
_symmetry.space_group_name_H-M   'I 1 2 1'
#
loop_
_entity.id
_entity.type
_entity.pdbx_description
1 polymer 'Dual specificity protein kinase CLK1'
2 non-polymer 1,2-ETHANEDIOL
3 non-polymer ~{N}2-(3-morpholin-4-ylpropyl)pyrido[3,4-g]quinazoline-2,10-diamine
4 water water
#
_entity_poly.entity_id   1
_entity_poly.type   'polypeptide(L)'
_entity_poly.pdbx_seq_one_letter_code
;SMHLICQSGDVLSARYEIVDTLGEGAFGKVVECIDHKAGGRHVAVKIVKNVDRYCEAARSEIQVLEHLNTTDPNSTFRCV
QMLEWFEHHGHICIVFELLGLSTYDFIKENGFLPFRLDHIRKMAYQICKSVNFLHSNKLTHTDLKPENILFVQSDYTEAY
NPKIKRDERTLINPDIKVVDFGSATYDDEHHSTLVSTRHYRAPEVILALGWSQPCDVWSIGCILIEYYLGFTVFPTHDSK
EHLAMMERILGPLPKHMIQKTRKRKYFHHDRLDWDEHSSAGRYVSRACKPLKEFMLSQDVEHERLFDLIQKMLEYDPAKR
ITLREALKHPFFDLLKKSI
;
_entity_poly.pdbx_strand_id   A
#
# COMPACT_ATOMS: atom_id res chain seq x y z
N MET A 2 -16.97 5.79 -18.90
CA MET A 2 -17.27 4.78 -17.84
C MET A 2 -18.50 5.20 -17.00
N HIS A 3 -18.71 6.50 -16.81
CA HIS A 3 -19.94 7.04 -16.18
C HIS A 3 -21.15 6.29 -16.75
N LEU A 4 -21.17 6.10 -18.07
CA LEU A 4 -22.31 5.54 -18.86
C LEU A 4 -22.68 4.11 -18.45
N ILE A 5 -21.81 3.36 -17.75
CA ILE A 5 -21.91 1.87 -17.65
C ILE A 5 -21.93 1.38 -16.19
N CYS A 6 -21.86 2.27 -15.18
CA CYS A 6 -21.65 1.84 -13.76
C CYS A 6 -22.60 2.54 -12.78
N GLN A 7 -23.78 3.00 -13.22
CA GLN A 7 -24.83 3.53 -12.32
C GLN A 7 -25.45 2.42 -11.44
N SER A 8 -25.92 2.81 -10.23
CA SER A 8 -26.82 2.04 -9.33
C SER A 8 -28.00 1.45 -10.12
N GLY A 9 -28.28 0.16 -9.96
CA GLY A 9 -29.40 -0.49 -10.68
C GLY A 9 -28.96 -1.10 -12.00
N ASP A 10 -27.76 -0.74 -12.50
CA ASP A 10 -27.23 -1.37 -13.73
C ASP A 10 -26.90 -2.82 -13.39
N VAL A 11 -27.06 -3.70 -14.35
CA VAL A 11 -26.83 -5.15 -14.15
C VAL A 11 -25.72 -5.55 -15.12
N LEU A 12 -24.67 -6.19 -14.58
CA LEU A 12 -23.49 -6.64 -15.35
C LEU A 12 -23.56 -8.17 -15.53
N SER A 13 -23.36 -8.63 -16.78
CA SER A 13 -23.15 -10.06 -17.08
C SER A 13 -24.41 -10.83 -16.64
N ALA A 14 -25.54 -10.15 -16.77
CA ALA A 14 -26.89 -10.67 -16.45
C ALA A 14 -26.98 -11.24 -15.03
N ARG A 15 -26.20 -10.75 -14.07
CA ARG A 15 -26.31 -11.27 -12.70
C ARG A 15 -25.90 -10.23 -11.63
N TYR A 16 -24.93 -9.36 -11.92
CA TYR A 16 -24.37 -8.43 -10.92
C TYR A 16 -25.11 -7.11 -10.99
N GLU A 17 -25.96 -6.81 -10.01
CA GLU A 17 -26.70 -5.53 -9.82
C GLU A 17 -25.83 -4.55 -9.01
N ILE A 18 -25.46 -3.42 -9.57
CA ILE A 18 -24.63 -2.42 -8.85
C ILE A 18 -25.49 -1.83 -7.74
N VAL A 19 -25.00 -1.74 -6.51
CA VAL A 19 -25.76 -1.10 -5.38
C VAL A 19 -25.01 0.09 -4.82
N ASP A 20 -23.75 0.26 -5.17
CA ASP A 20 -22.91 1.30 -4.51
C ASP A 20 -21.57 1.42 -5.23
N THR A 21 -20.89 2.54 -5.05
CA THR A 21 -19.48 2.72 -5.48
C THR A 21 -18.55 2.61 -4.26
N LEU A 22 -17.47 1.90 -4.45
CA LEU A 22 -16.52 1.50 -3.41
C LEU A 22 -15.27 2.35 -3.56
N GLY A 23 -14.90 2.76 -4.77
CA GLY A 23 -13.58 3.37 -5.07
C GLY A 23 -13.50 3.80 -6.53
N GLU A 24 -12.90 4.96 -6.79
CA GLU A 24 -12.66 5.51 -8.15
C GLU A 24 -11.14 5.64 -8.32
N GLY A 25 -10.67 6.47 -9.23
CA GLY A 25 -9.23 6.49 -9.56
C GLY A 25 -9.01 6.41 -11.06
N ALA A 26 -7.76 6.16 -11.48
CA ALA A 26 -7.31 6.40 -12.87
C ALA A 26 -7.47 5.12 -13.68
N PHE A 27 -7.26 3.95 -13.06
CA PHE A 27 -7.48 2.59 -13.63
C PHE A 27 -8.96 2.32 -13.94
N GLY A 28 -9.87 2.92 -13.15
CA GLY A 28 -11.33 2.87 -13.34
C GLY A 28 -12.06 2.87 -12.00
N LYS A 29 -12.96 1.92 -11.79
CA LYS A 29 -14.00 2.05 -10.73
C LYS A 29 -14.19 0.68 -10.06
N VAL A 30 -14.48 0.67 -8.77
CA VAL A 30 -14.88 -0.55 -8.04
C VAL A 30 -16.25 -0.29 -7.47
N VAL A 31 -17.18 -1.22 -7.73
CA VAL A 31 -18.63 -1.08 -7.42
C VAL A 31 -19.10 -2.28 -6.60
N GLU A 32 -19.99 -2.07 -5.66
CA GLU A 32 -20.56 -3.23 -4.93
C GLU A 32 -21.70 -3.77 -5.77
N CYS A 33 -21.81 -5.09 -5.90
CA CYS A 33 -22.90 -5.71 -6.67
C CYS A 33 -23.58 -6.79 -5.86
N ILE A 34 -24.89 -6.89 -6.02
CA ILE A 34 -25.65 -8.14 -5.65
C ILE A 34 -25.50 -9.20 -6.76
N ASP A 35 -25.08 -10.40 -6.38
CA ASP A 35 -24.95 -11.51 -7.36
C ASP A 35 -26.22 -12.36 -7.34
N HIS A 36 -27.14 -12.09 -8.23
CA HIS A 36 -28.44 -12.79 -8.33
C HIS A 36 -28.20 -14.25 -8.70
N LYS A 37 -27.00 -14.67 -9.06
CA LYS A 37 -26.75 -16.10 -9.39
C LYS A 37 -25.95 -16.77 -8.30
N ALA A 38 -25.55 -16.07 -7.23
CA ALA A 38 -24.95 -16.74 -6.04
C ALA A 38 -25.81 -16.43 -4.80
N GLY A 39 -27.13 -16.57 -4.93
CA GLY A 39 -28.10 -16.36 -3.83
C GLY A 39 -28.06 -14.93 -3.27
N GLY A 40 -27.76 -13.93 -4.09
CA GLY A 40 -27.82 -12.53 -3.66
C GLY A 40 -26.62 -12.14 -2.80
N ARG A 41 -25.55 -12.93 -2.82
CA ARG A 41 -24.22 -12.59 -2.21
C ARG A 41 -23.71 -11.26 -2.76
N HIS A 42 -23.24 -10.35 -1.89
CA HIS A 42 -22.62 -9.07 -2.31
C HIS A 42 -21.20 -9.36 -2.75
N VAL A 43 -20.75 -8.78 -3.87
CA VAL A 43 -19.33 -8.93 -4.33
C VAL A 43 -18.81 -7.54 -4.70
N ALA A 44 -17.52 -7.42 -4.99
CA ALA A 44 -16.93 -6.22 -5.62
C ALA A 44 -16.60 -6.53 -7.07
N VAL A 45 -16.89 -5.60 -7.96
CA VAL A 45 -16.49 -5.66 -9.40
C VAL A 45 -15.68 -4.40 -9.71
N LYS A 46 -14.43 -4.62 -10.09
CA LYS A 46 -13.54 -3.57 -10.67
C LYS A 46 -13.87 -3.48 -12.16
N ILE A 47 -14.33 -2.32 -12.60
CA ILE A 47 -14.56 -1.97 -14.01
C ILE A 47 -13.30 -1.27 -14.49
N VAL A 48 -12.60 -1.87 -15.43
CA VAL A 48 -11.29 -1.34 -15.90
C VAL A 48 -11.52 -0.36 -17.04
N LYS A 49 -11.02 0.87 -16.89
CA LYS A 49 -10.90 1.95 -17.91
C LYS A 49 -10.43 1.38 -19.27
N ASN A 50 -11.11 1.78 -20.35
CA ASN A 50 -11.13 1.16 -21.71
C ASN A 50 -9.88 1.57 -22.52
N VAL A 51 -8.69 1.48 -21.91
CA VAL A 51 -7.40 2.00 -22.44
C VAL A 51 -6.34 0.88 -22.42
N ASP A 52 -5.40 0.92 -23.38
CA ASP A 52 -4.23 -0.01 -23.48
C ASP A 52 -3.62 -0.26 -22.10
N ARG A 53 -3.18 0.82 -21.43
CA ARG A 53 -2.47 0.78 -20.14
C ARG A 53 -3.22 -0.17 -19.22
N TYR A 54 -4.48 0.17 -18.90
CA TYR A 54 -5.27 -0.50 -17.84
C TYR A 54 -5.75 -1.85 -18.36
N CYS A 55 -5.89 -2.01 -19.67
CA CYS A 55 -6.34 -3.30 -20.24
C CYS A 55 -5.26 -4.35 -20.01
N GLU A 56 -4.01 -4.08 -20.39
CA GLU A 56 -2.90 -5.07 -20.28
C GLU A 56 -2.56 -5.30 -18.81
N ALA A 57 -2.77 -4.30 -17.95
CA ALA A 57 -2.46 -4.38 -16.52
C ALA A 57 -3.49 -5.29 -15.83
N ALA A 58 -4.77 -5.18 -16.21
CA ALA A 58 -5.84 -6.08 -15.75
C ALA A 58 -5.66 -7.48 -16.36
N ARG A 59 -5.30 -7.64 -17.64
CA ARG A 59 -4.95 -9.00 -18.16
C ARG A 59 -3.85 -9.61 -17.25
N SER A 60 -2.86 -8.83 -16.83
CA SER A 60 -1.71 -9.36 -16.07
C SER A 60 -2.20 -9.71 -14.65
N GLU A 61 -3.01 -8.82 -14.08
CA GLU A 61 -3.58 -8.96 -12.74
C GLU A 61 -4.40 -10.25 -12.71
N ILE A 62 -5.21 -10.52 -13.72
CA ILE A 62 -6.04 -11.74 -13.74
C ILE A 62 -5.09 -12.95 -13.71
N GLN A 63 -3.98 -12.91 -14.46
CA GLN A 63 -2.97 -14.02 -14.48
C GLN A 63 -2.35 -14.17 -13.07
N VAL A 64 -1.94 -13.10 -12.45
CA VAL A 64 -1.36 -13.14 -11.08
C VAL A 64 -2.35 -13.75 -10.10
N LEU A 65 -3.61 -13.33 -10.14
CA LEU A 65 -4.61 -13.76 -9.12
C LEU A 65 -4.92 -15.25 -9.34
N GLU A 66 -4.98 -15.70 -10.60
CA GLU A 66 -5.24 -17.12 -10.91
C GLU A 66 -4.18 -17.94 -10.17
N HIS A 67 -2.92 -17.51 -10.23
CA HIS A 67 -1.74 -18.18 -9.65
C HIS A 67 -1.78 -18.10 -8.11
N LEU A 68 -2.02 -16.94 -7.52
CA LEU A 68 -2.05 -16.74 -6.05
C LEU A 68 -3.22 -17.51 -5.47
N ASN A 69 -4.40 -17.36 -6.05
CA ASN A 69 -5.63 -18.01 -5.53
C ASN A 69 -5.51 -19.56 -5.60
N THR A 70 -4.82 -20.10 -6.62
CA THR A 70 -4.68 -21.55 -6.88
C THR A 70 -3.66 -22.11 -5.87
N THR A 71 -2.56 -21.39 -5.67
CA THR A 71 -1.43 -21.70 -4.80
C THR A 71 -1.89 -21.65 -3.33
N ASP A 72 -2.83 -20.77 -3.00
CA ASP A 72 -3.26 -20.49 -1.61
C ASP A 72 -4.78 -20.47 -1.53
N PRO A 73 -5.49 -21.57 -1.81
CA PRO A 73 -6.94 -21.55 -1.95
C PRO A 73 -7.71 -21.06 -0.72
N ASN A 74 -7.18 -21.19 0.51
CA ASN A 74 -7.89 -20.82 1.78
C ASN A 74 -7.61 -19.34 2.08
N SER A 75 -6.79 -18.70 1.24
CA SER A 75 -6.33 -17.31 1.41
C SER A 75 -5.65 -17.17 2.78
N THR A 76 -4.81 -18.13 3.16
CA THR A 76 -4.01 -18.08 4.39
C THR A 76 -3.09 -16.87 4.33
N PHE A 77 -2.64 -16.46 3.15
CA PHE A 77 -1.66 -15.36 2.97
C PHE A 77 -2.37 -14.09 2.52
N ARG A 78 -3.67 -14.07 2.64
CA ARG A 78 -4.45 -12.82 2.77
C ARG A 78 -4.42 -11.99 1.48
N CYS A 79 -4.27 -12.63 0.34
CA CYS A 79 -4.43 -11.98 -0.98
C CYS A 79 -5.90 -12.11 -1.38
N VAL A 80 -6.50 -11.03 -1.91
CA VAL A 80 -7.93 -11.04 -2.29
C VAL A 80 -8.21 -12.19 -3.28
N GLN A 81 -9.39 -12.79 -3.17
CA GLN A 81 -9.85 -13.85 -4.08
C GLN A 81 -10.62 -13.22 -5.24
N MET A 82 -10.16 -13.44 -6.45
CA MET A 82 -10.88 -13.16 -7.72
C MET A 82 -11.83 -14.32 -7.95
N LEU A 83 -13.12 -14.03 -8.20
CA LEU A 83 -14.16 -15.06 -8.41
C LEU A 83 -14.28 -15.37 -9.90
N GLU A 84 -14.18 -14.34 -10.75
CA GLU A 84 -14.20 -14.46 -12.23
C GLU A 84 -13.94 -13.08 -12.87
N TRP A 85 -13.87 -13.04 -14.20
CA TRP A 85 -13.79 -11.78 -14.95
C TRP A 85 -14.63 -11.88 -16.21
N PHE A 86 -15.12 -10.74 -16.70
CA PHE A 86 -15.96 -10.67 -17.90
C PHE A 86 -15.74 -9.32 -18.56
N GLU A 87 -16.37 -9.14 -19.72
CA GLU A 87 -16.37 -7.96 -20.60
C GLU A 87 -17.76 -7.33 -20.63
N HIS A 88 -17.81 -6.02 -20.44
CA HIS A 88 -19.05 -5.21 -20.30
C HIS A 88 -18.84 -3.92 -21.09
N HIS A 89 -19.48 -3.84 -22.27
CA HIS A 89 -19.39 -2.72 -23.27
C HIS A 89 -17.90 -2.42 -23.66
N GLY A 90 -17.10 -3.55 -23.72
CA GLY A 90 -15.65 -3.54 -24.01
C GLY A 90 -14.81 -3.04 -22.84
N HIS A 91 -15.32 -3.05 -21.61
CA HIS A 91 -14.46 -2.88 -20.40
C HIS A 91 -14.22 -4.25 -19.76
N ILE A 92 -13.00 -4.54 -19.32
CA ILE A 92 -12.72 -5.75 -18.50
C ILE A 92 -13.35 -5.48 -17.14
N CYS A 93 -14.09 -6.45 -16.60
CA CYS A 93 -14.61 -6.37 -15.23
C CYS A 93 -14.03 -7.54 -14.45
N ILE A 94 -13.48 -7.31 -13.28
CA ILE A 94 -12.98 -8.42 -12.45
C ILE A 94 -13.81 -8.48 -11.19
N VAL A 95 -14.38 -9.65 -10.93
CA VAL A 95 -15.21 -9.92 -9.74
C VAL A 95 -14.31 -10.39 -8.61
N PHE A 96 -14.53 -9.84 -7.43
CA PHE A 96 -13.79 -10.15 -6.19
C PHE A 96 -14.76 -10.39 -5.05
N GLU A 97 -14.34 -11.17 -4.08
CA GLU A 97 -15.01 -11.29 -2.75
C GLU A 97 -15.13 -9.86 -2.22
N LEU A 98 -16.22 -9.52 -1.56
CA LEU A 98 -16.40 -8.16 -1.01
C LEU A 98 -15.57 -8.06 0.29
N LEU A 99 -14.66 -7.10 0.39
CA LEU A 99 -13.93 -6.87 1.68
C LEU A 99 -14.53 -5.65 2.35
N GLY A 100 -14.00 -5.21 3.48
CA GLY A 100 -14.43 -3.95 4.12
C GLY A 100 -13.67 -2.75 3.59
N LEU A 101 -13.51 -1.70 4.41
CA LEU A 101 -12.85 -0.43 4.05
C LEU A 101 -11.34 -0.62 3.81
N SER A 102 -10.80 0.16 2.88
CA SER A 102 -9.35 0.42 2.75
C SER A 102 -8.93 1.10 4.03
N THR A 103 -7.70 0.82 4.47
CA THR A 103 -7.10 1.40 5.69
C THR A 103 -6.99 2.92 5.44
N TYR A 104 -6.70 3.31 4.21
CA TYR A 104 -6.68 4.72 3.73
C TYR A 104 -8.01 5.43 4.06
N ASP A 105 -9.14 4.87 3.64
CA ASP A 105 -10.45 5.54 3.85
C ASP A 105 -10.78 5.52 5.33
N PHE A 106 -10.39 4.47 6.03
CA PHE A 106 -10.67 4.37 7.48
C PHE A 106 -9.93 5.51 8.21
N ILE A 107 -8.61 5.69 8.01
CA ILE A 107 -7.86 6.84 8.63
C ILE A 107 -8.46 8.17 8.17
N LYS A 108 -8.70 8.33 6.86
CA LYS A 108 -9.09 9.62 6.21
C LYS A 108 -10.41 10.09 6.84
N GLU A 109 -11.36 9.17 7.02
CA GLU A 109 -12.73 9.53 7.44
C GLU A 109 -12.80 9.70 8.97
N ASN A 110 -11.76 9.33 9.72
CA ASN A 110 -11.65 9.64 11.17
C ASN A 110 -10.80 10.88 11.37
N GLY A 111 -10.71 11.76 10.39
CA GLY A 111 -9.91 12.99 10.49
C GLY A 111 -8.40 12.71 10.62
N PHE A 112 -7.90 11.64 10.00
CA PHE A 112 -6.45 11.33 9.91
C PHE A 112 -5.90 10.99 11.30
N LEU A 113 -6.70 10.37 12.15
CA LEU A 113 -6.25 9.95 13.51
C LEU A 113 -5.60 8.61 13.31
N PRO A 114 -4.48 8.32 13.99
CA PRO A 114 -3.76 7.09 13.70
C PRO A 114 -4.44 5.84 14.29
N PHE A 115 -4.03 4.67 13.85
CA PHE A 115 -4.46 3.36 14.42
C PHE A 115 -3.77 3.15 15.76
N ARG A 116 -4.35 2.30 16.61
CA ARG A 116 -3.77 1.93 17.90
C ARG A 116 -2.54 1.05 17.64
N LEU A 117 -1.55 1.10 18.51
CA LEU A 117 -0.33 0.26 18.40
C LEU A 117 -0.71 -1.22 18.28
N ASP A 118 -1.57 -1.73 19.17
CA ASP A 118 -2.09 -3.13 19.18
C ASP A 118 -2.62 -3.48 17.78
N HIS A 119 -3.43 -2.59 17.18
CA HIS A 119 -3.96 -2.84 15.80
C HIS A 119 -2.81 -2.88 14.76
N ILE A 120 -1.90 -1.89 14.81
CA ILE A 120 -0.75 -1.74 13.86
C ILE A 120 0.10 -3.02 13.92
N ARG A 121 0.36 -3.54 15.12
CA ARG A 121 1.14 -4.79 15.24
C ARG A 121 0.43 -5.92 14.48
N LYS A 122 -0.89 -6.12 14.73
CA LYS A 122 -1.69 -7.13 14.01
C LYS A 122 -1.67 -6.88 12.52
N MET A 123 -1.86 -5.65 12.08
CA MET A 123 -1.96 -5.33 10.62
C MET A 123 -0.59 -5.51 9.94
N ALA A 124 0.50 -5.08 10.57
CA ALA A 124 1.88 -5.13 10.03
C ALA A 124 2.27 -6.58 9.82
N TYR A 125 2.02 -7.42 10.82
CA TYR A 125 2.27 -8.88 10.76
C TYR A 125 1.55 -9.44 9.53
N GLN A 126 0.24 -9.18 9.37
CA GLN A 126 -0.56 -9.73 8.25
C GLN A 126 -0.02 -9.16 6.94
N ILE A 127 0.28 -7.87 6.85
CA ILE A 127 0.81 -7.29 5.57
C ILE A 127 2.13 -7.99 5.24
N CYS A 128 3.04 -8.10 6.23
CA CYS A 128 4.35 -8.78 6.01
C CYS A 128 4.12 -10.23 5.60
N LYS A 129 3.19 -10.98 6.22
CA LYS A 129 2.94 -12.40 5.83
C LYS A 129 2.37 -12.43 4.42
N SER A 130 1.52 -11.50 4.02
CA SER A 130 0.85 -11.55 2.70
C SER A 130 1.88 -11.23 1.58
N VAL A 131 2.70 -10.22 1.79
CA VAL A 131 3.63 -9.77 0.74
C VAL A 131 4.83 -10.73 0.74
N ASN A 132 5.25 -11.29 1.89
CA ASN A 132 6.25 -12.40 1.88
C ASN A 132 5.78 -13.58 1.03
N PHE A 133 4.53 -13.99 1.08
CA PHE A 133 3.98 -14.98 0.11
C PHE A 133 4.25 -14.56 -1.34
N LEU A 134 3.95 -13.31 -1.75
CA LEU A 134 4.30 -12.86 -3.15
C LEU A 134 5.79 -13.03 -3.33
N HIS A 135 6.57 -12.57 -2.38
CA HIS A 135 8.04 -12.69 -2.42
C HIS A 135 8.43 -14.16 -2.65
N SER A 136 7.87 -15.10 -1.91
CA SER A 136 8.22 -16.53 -2.03
C SER A 136 7.97 -17.01 -3.46
N ASN A 137 7.03 -16.41 -4.15
CA ASN A 137 6.45 -16.93 -5.40
C ASN A 137 6.93 -16.07 -6.59
N LYS A 138 8.10 -15.42 -6.38
CA LYS A 138 8.92 -14.66 -7.38
C LYS A 138 8.16 -13.43 -7.89
N LEU A 139 7.38 -12.82 -7.03
CA LEU A 139 6.61 -11.60 -7.34
C LEU A 139 7.03 -10.43 -6.44
N THR A 140 6.91 -9.22 -6.98
CA THR A 140 6.95 -7.93 -6.28
C THR A 140 5.62 -7.19 -6.58
N HIS A 141 4.95 -6.69 -5.56
CA HIS A 141 3.67 -5.94 -5.70
C HIS A 141 3.91 -4.63 -6.46
N THR A 142 4.86 -3.82 -5.98
CA THR A 142 5.33 -2.51 -6.52
C THR A 142 4.43 -1.32 -6.15
N ASP A 143 3.18 -1.52 -5.73
CA ASP A 143 2.30 -0.36 -5.44
C ASP A 143 1.60 -0.57 -4.10
N LEU A 144 2.34 -0.94 -3.07
CA LEU A 144 1.77 -1.10 -1.71
C LEU A 144 1.57 0.30 -1.12
N LYS A 145 0.40 0.53 -0.58
CA LYS A 145 -0.02 1.84 -0.05
C LYS A 145 -1.32 1.60 0.67
N PRO A 146 -1.70 2.46 1.62
CA PRO A 146 -2.87 2.16 2.45
C PRO A 146 -4.18 1.94 1.67
N GLU A 147 -4.33 2.50 0.47
CA GLU A 147 -5.52 2.27 -0.39
C GLU A 147 -5.56 0.79 -0.80
N ASN A 148 -4.44 0.08 -0.80
CA ASN A 148 -4.31 -1.31 -1.32
C ASN A 148 -4.24 -2.34 -0.20
N ILE A 149 -4.43 -1.88 1.04
CA ILE A 149 -4.67 -2.75 2.22
C ILE A 149 -6.11 -2.46 2.71
N LEU A 150 -6.93 -3.49 2.74
CA LEU A 150 -8.36 -3.40 3.07
C LEU A 150 -8.61 -4.32 4.25
N PHE A 151 -9.43 -3.87 5.19
CA PHE A 151 -10.07 -4.72 6.22
C PHE A 151 -10.90 -5.85 5.57
N VAL A 152 -10.72 -7.07 6.07
CA VAL A 152 -11.46 -8.27 5.60
C VAL A 152 -12.94 -7.98 5.79
N GLN A 153 -13.29 -7.48 6.96
CA GLN A 153 -14.69 -7.42 7.48
C GLN A 153 -15.04 -5.96 7.76
N SER A 154 -16.34 -5.68 7.88
CA SER A 154 -16.87 -4.42 8.45
C SER A 154 -16.88 -4.55 9.96
N ASP A 155 -15.71 -4.76 10.53
CA ASP A 155 -15.60 -5.07 11.97
C ASP A 155 -15.20 -3.85 12.78
N TYR A 156 -16.11 -2.88 12.83
CA TYR A 156 -15.94 -1.55 13.47
C TYR A 156 -17.28 -1.08 13.95
N THR A 157 -17.36 -0.20 14.93
CA THR A 157 -18.57 0.61 15.19
C THR A 157 -18.30 2.04 14.74
N GLU A 158 -19.37 2.75 14.39
CA GLU A 158 -19.33 4.18 13.98
C GLU A 158 -20.53 4.92 14.61
N ALA A 159 -20.28 6.11 15.14
CA ALA A 159 -21.30 6.96 15.76
C ALA A 159 -21.07 8.40 15.26
N TYR A 160 -22.18 9.11 14.99
CA TYR A 160 -22.16 10.56 14.71
C TYR A 160 -21.79 11.32 15.98
N ASN A 161 -20.68 12.03 15.91
CA ASN A 161 -20.19 12.92 16.97
C ASN A 161 -20.50 14.36 16.57
N PRO A 162 -21.61 14.96 17.07
CA PRO A 162 -21.91 16.36 16.78
C PRO A 162 -20.77 17.37 17.06
N LYS A 163 -19.93 17.17 18.08
CA LYS A 163 -18.88 18.15 18.45
C LYS A 163 -18.02 18.51 17.23
N ILE A 164 -17.67 17.50 16.39
CA ILE A 164 -16.73 17.53 15.22
C ILE A 164 -17.47 17.18 13.91
N LYS A 165 -18.79 17.08 13.94
CA LYS A 165 -19.68 16.91 12.75
C LYS A 165 -19.15 15.81 11.79
N ARG A 166 -18.80 14.63 12.30
CA ARG A 166 -18.59 13.45 11.44
C ARG A 166 -18.92 12.18 12.21
N ASP A 167 -18.99 11.07 11.52
CA ASP A 167 -18.95 9.73 12.13
C ASP A 167 -17.50 9.51 12.60
N GLU A 168 -17.31 8.98 13.80
CA GLU A 168 -16.04 8.36 14.20
C GLU A 168 -16.27 6.86 14.15
N ARG A 169 -15.29 6.14 13.66
CA ARG A 169 -15.35 4.69 13.45
C ARG A 169 -14.32 4.03 14.38
N THR A 170 -14.73 3.07 15.22
CA THR A 170 -13.77 2.42 16.14
C THR A 170 -13.59 0.96 15.72
N LEU A 171 -12.34 0.58 15.48
CA LEU A 171 -11.97 -0.75 14.94
C LEU A 171 -12.13 -1.83 16.02
N ILE A 172 -12.87 -2.89 15.78
CA ILE A 172 -13.01 -4.06 16.69
C ILE A 172 -11.89 -5.05 16.36
N ASN A 173 -11.88 -5.52 15.15
CA ASN A 173 -10.82 -6.41 14.65
C ASN A 173 -10.19 -5.81 13.40
N PRO A 174 -8.85 -5.87 13.37
CA PRO A 174 -8.07 -5.16 12.39
C PRO A 174 -7.56 -6.01 11.22
N ASP A 175 -8.08 -7.23 11.03
CA ASP A 175 -7.62 -8.15 9.95
C ASP A 175 -7.71 -7.52 8.54
N ILE A 176 -6.71 -7.78 7.70
CA ILE A 176 -6.62 -7.11 6.39
C ILE A 176 -6.39 -8.16 5.29
N LYS A 177 -6.53 -7.68 4.05
CA LYS A 177 -6.04 -8.37 2.85
C LYS A 177 -5.36 -7.36 1.95
N VAL A 178 -4.62 -7.87 0.99
CA VAL A 178 -3.85 -7.05 0.02
C VAL A 178 -4.63 -7.13 -1.25
N VAL A 179 -4.80 -5.99 -1.93
CA VAL A 179 -5.47 -5.95 -3.24
C VAL A 179 -4.58 -5.25 -4.25
N ASP A 180 -5.07 -5.28 -5.48
CA ASP A 180 -4.52 -4.63 -6.69
C ASP A 180 -3.20 -5.27 -7.13
N PHE A 181 -3.27 -6.22 -8.06
CA PHE A 181 -2.07 -6.93 -8.56
C PHE A 181 -1.79 -6.53 -10.01
N GLY A 182 -2.33 -5.40 -10.50
CA GLY A 182 -2.14 -4.93 -11.89
C GLY A 182 -0.72 -4.43 -12.18
N SER A 183 0.06 -4.17 -11.14
CA SER A 183 1.45 -3.69 -11.24
C SER A 183 2.47 -4.78 -10.87
N ALA A 184 2.00 -5.90 -10.29
CA ALA A 184 2.84 -6.95 -9.70
C ALA A 184 3.70 -7.56 -10.81
N THR A 185 4.99 -7.66 -10.59
CA THR A 185 5.96 -8.04 -11.62
C THR A 185 6.68 -9.30 -11.15
N TYR A 186 6.76 -10.31 -12.02
CA TYR A 186 7.52 -11.57 -11.78
C TYR A 186 8.99 -11.27 -11.93
N ASP A 187 9.81 -12.03 -11.21
CA ASP A 187 11.27 -11.84 -11.17
C ASP A 187 11.85 -11.87 -12.59
N ASP A 188 11.26 -12.63 -13.52
CA ASP A 188 11.97 -12.81 -14.83
CA ASP A 188 11.78 -12.96 -14.89
C ASP A 188 11.34 -11.90 -15.90
N GLU A 189 10.20 -11.23 -15.61
CA GLU A 189 9.56 -10.20 -16.47
C GLU A 189 10.34 -8.89 -16.49
N HIS A 190 10.10 -8.10 -17.52
CA HIS A 190 10.70 -6.76 -17.74
C HIS A 190 10.25 -5.83 -16.61
N HIS A 191 11.15 -4.99 -16.16
CA HIS A 191 10.98 -4.17 -14.93
C HIS A 191 10.80 -2.72 -15.37
N SER A 192 9.61 -2.16 -15.11
CA SER A 192 9.23 -0.74 -15.39
C SER A 192 10.22 0.23 -14.72
N THR A 193 10.63 1.30 -15.40
CA THR A 193 11.51 2.34 -14.82
C THR A 193 10.85 2.91 -13.55
N LEU A 194 9.66 3.50 -13.69
CA LEU A 194 8.87 4.09 -12.58
C LEU A 194 7.94 3.04 -12.00
N VAL A 195 7.77 3.00 -10.67
CA VAL A 195 6.81 2.11 -9.96
C VAL A 195 6.43 2.78 -8.63
N SER A 196 5.28 2.42 -8.07
CA SER A 196 4.82 2.87 -6.72
C SER A 196 4.13 4.24 -6.84
N THR A 197 3.23 4.55 -5.89
CA THR A 197 2.67 5.91 -5.68
C THR A 197 3.75 6.70 -4.94
N ARG A 198 4.11 7.87 -5.49
CA ARG A 198 5.31 8.69 -5.15
C ARG A 198 5.63 8.57 -3.65
N HIS A 199 4.63 8.74 -2.78
CA HIS A 199 4.82 8.79 -1.30
C HIS A 199 5.38 7.45 -0.77
N TYR A 200 5.20 6.31 -1.47
CA TYR A 200 5.66 5.00 -0.97
C TYR A 200 6.79 4.44 -1.84
N ARG A 201 7.38 5.28 -2.74
CA ARG A 201 8.38 4.84 -3.77
C ARG A 201 9.80 4.69 -3.18
N ALA A 202 10.47 3.59 -3.41
CA ALA A 202 11.77 3.34 -2.75
C ALA A 202 12.82 4.27 -3.38
N PRO A 203 13.92 4.55 -2.67
CA PRO A 203 15.01 5.39 -3.19
C PRO A 203 15.68 4.78 -4.43
N GLU A 204 15.76 3.45 -4.51
CA GLU A 204 16.35 2.78 -5.70
C GLU A 204 15.41 2.97 -6.89
N VAL A 205 14.11 3.11 -6.65
CA VAL A 205 13.17 3.32 -7.78
C VAL A 205 13.33 4.76 -8.21
N ILE A 206 13.36 5.69 -7.25
CA ILE A 206 13.53 7.14 -7.56
C ILE A 206 14.79 7.29 -8.40
N LEU A 207 15.86 6.58 -8.06
CA LEU A 207 17.23 6.82 -8.63
C LEU A 207 17.48 5.86 -9.81
N ALA A 208 16.46 5.09 -10.24
CA ALA A 208 16.54 4.29 -11.49
C ALA A 208 17.72 3.31 -11.40
N LEU A 209 18.09 2.87 -10.19
CA LEU A 209 19.21 1.92 -9.93
C LEU A 209 18.74 0.46 -10.07
N GLY A 210 17.48 0.20 -10.45
CA GLY A 210 16.92 -1.15 -10.49
C GLY A 210 16.25 -1.49 -9.17
N TRP A 211 15.29 -2.44 -9.23
CA TRP A 211 14.43 -2.87 -8.10
C TRP A 211 13.97 -4.34 -8.22
N SER A 212 13.51 -4.85 -7.09
CA SER A 212 12.86 -6.16 -6.92
C SER A 212 12.21 -6.16 -5.55
N GLN A 213 12.13 -7.30 -4.89
CA GLN A 213 11.28 -7.50 -3.69
C GLN A 213 11.57 -6.37 -2.70
N PRO A 214 12.82 -5.93 -2.47
CA PRO A 214 13.05 -4.92 -1.42
C PRO A 214 12.28 -3.60 -1.55
N CYS A 215 11.88 -3.18 -2.75
CA CYS A 215 11.10 -1.92 -2.93
C CYS A 215 9.74 -2.09 -2.23
N ASP A 216 9.25 -3.31 -2.09
CA ASP A 216 7.97 -3.53 -1.38
C ASP A 216 8.21 -3.25 0.10
N VAL A 217 9.33 -3.70 0.63
CA VAL A 217 9.67 -3.53 2.08
C VAL A 217 9.68 -2.03 2.41
N TRP A 218 10.34 -1.23 1.56
CA TRP A 218 10.34 0.23 1.76
C TRP A 218 8.88 0.70 1.91
N SER A 219 8.03 0.34 0.95
CA SER A 219 6.61 0.81 0.88
C SER A 219 5.90 0.48 2.21
N ILE A 220 6.14 -0.73 2.74
CA ILE A 220 5.48 -1.20 3.98
C ILE A 220 5.96 -0.32 5.13
N GLY A 221 7.27 -0.09 5.21
CA GLY A 221 7.84 0.89 6.16
C GLY A 221 7.06 2.20 6.17
N CYS A 222 6.86 2.81 5.00
CA CYS A 222 6.12 4.08 4.86
C CYS A 222 4.67 3.89 5.30
N ILE A 223 4.05 2.77 4.96
CA ILE A 223 2.66 2.49 5.39
C ILE A 223 2.60 2.51 6.93
N LEU A 224 3.55 1.86 7.59
CA LEU A 224 3.43 1.60 9.03
C LEU A 224 3.55 2.92 9.81
N ILE A 225 4.49 3.78 9.45
CA ILE A 225 4.60 5.10 10.10
C ILE A 225 3.36 5.93 9.77
N GLU A 226 2.77 5.71 8.63
CA GLU A 226 1.53 6.46 8.29
C GLU A 226 0.37 6.00 9.19
N TYR A 227 0.31 4.71 9.49
CA TYR A 227 -0.68 4.09 10.39
C TYR A 227 -0.45 4.60 11.82
N TYR A 228 0.82 4.74 12.23
CA TYR A 228 1.24 5.22 13.56
C TYR A 228 0.97 6.74 13.73
N LEU A 229 1.18 7.55 12.71
CA LEU A 229 1.01 9.02 12.86
C LEU A 229 -0.37 9.50 12.43
N GLY A 230 -0.92 8.92 11.36
CA GLY A 230 -2.20 9.28 10.75
C GLY A 230 -1.96 10.07 9.46
N PHE A 231 -0.70 10.26 9.07
CA PHE A 231 -0.34 11.02 7.85
C PHE A 231 1.02 10.53 7.34
N THR A 232 1.26 10.72 6.04
CA THR A 232 2.56 10.35 5.41
C THR A 232 3.67 11.31 5.83
N VAL A 233 4.84 10.74 6.11
CA VAL A 233 6.05 11.47 6.55
C VAL A 233 6.72 12.06 5.30
N PHE A 234 6.34 11.58 4.09
CA PHE A 234 6.85 12.06 2.77
C PHE A 234 5.72 12.66 1.93
N PRO A 235 5.06 13.73 2.40
CA PRO A 235 3.81 14.14 1.74
C PRO A 235 3.96 14.56 0.24
N THR A 236 5.16 14.84 -0.23
CA THR A 236 5.43 15.68 -1.43
C THR A 236 5.15 14.95 -2.75
N HIS A 237 5.05 15.74 -3.83
CA HIS A 237 4.80 15.36 -5.26
C HIS A 237 6.14 15.25 -6.02
N ASP A 238 7.14 16.01 -5.57
CA ASP A 238 8.41 16.31 -6.25
C ASP A 238 9.56 15.41 -5.70
N SER A 239 10.38 14.81 -6.56
CA SER A 239 11.37 13.75 -6.19
C SER A 239 12.57 14.34 -5.44
N LYS A 240 13.04 15.52 -5.84
CA LYS A 240 14.17 16.20 -5.18
C LYS A 240 13.75 16.58 -3.75
N GLU A 241 12.57 17.19 -3.56
CA GLU A 241 12.00 17.43 -2.21
C GLU A 241 11.84 16.11 -1.46
N HIS A 242 11.26 15.08 -2.10
CA HIS A 242 11.18 13.71 -1.56
C HIS A 242 12.55 13.30 -1.01
N LEU A 243 13.62 13.51 -1.77
CA LEU A 243 14.99 13.06 -1.38
C LEU A 243 15.50 13.95 -0.23
N ALA A 244 15.24 15.24 -0.26
CA ALA A 244 15.54 16.16 0.86
C ALA A 244 14.83 15.66 2.13
N MET A 245 13.60 15.16 2.04
CA MET A 245 12.81 14.72 3.22
C MET A 245 13.41 13.41 3.78
N MET A 246 13.63 12.43 2.92
CA MET A 246 14.43 11.25 3.30
C MET A 246 15.72 11.65 4.04
N GLU A 247 16.49 12.62 3.55
CA GLU A 247 17.78 13.01 4.20
C GLU A 247 17.48 13.54 5.59
N ARG A 248 16.48 14.39 5.73
CA ARG A 248 16.14 15.03 7.03
C ARG A 248 15.67 13.95 8.01
N ILE A 249 15.04 12.90 7.53
CA ILE A 249 14.35 11.92 8.42
C ILE A 249 15.29 10.74 8.69
N LEU A 250 16.14 10.39 7.73
CA LEU A 250 16.81 9.06 7.70
C LEU A 250 18.30 9.23 7.53
N GLY A 251 18.80 10.46 7.45
CA GLY A 251 20.23 10.72 7.26
C GLY A 251 20.61 10.73 5.78
N PRO A 252 21.89 11.01 5.49
CA PRO A 252 22.41 11.12 4.12
C PRO A 252 22.29 9.78 3.38
N LEU A 253 22.08 9.87 2.08
CA LEU A 253 22.05 8.70 1.16
C LEU A 253 23.46 8.12 1.01
N PRO A 254 23.59 6.78 0.90
CA PRO A 254 24.87 6.15 0.61
C PRO A 254 25.53 6.80 -0.61
N LYS A 255 26.78 7.21 -0.50
CA LYS A 255 27.48 7.90 -1.60
C LYS A 255 27.40 7.00 -2.85
N HIS A 256 27.42 5.68 -2.70
CA HIS A 256 27.46 4.77 -3.86
C HIS A 256 26.18 4.93 -4.67
N MET A 257 25.05 5.21 -4.03
CA MET A 257 23.72 5.34 -4.72
C MET A 257 23.65 6.67 -5.46
N ILE A 258 24.18 7.71 -4.84
CA ILE A 258 24.26 9.09 -5.37
C ILE A 258 25.17 9.10 -6.61
N GLN A 259 26.29 8.39 -6.55
CA GLN A 259 27.33 8.45 -7.59
C GLN A 259 26.94 7.52 -8.75
N LYS A 260 26.17 6.47 -8.48
CA LYS A 260 25.85 5.39 -9.46
C LYS A 260 24.70 5.86 -10.35
N THR A 261 23.73 6.60 -9.78
CA THR A 261 22.44 6.94 -10.45
C THR A 261 22.74 7.76 -11.71
N ARG A 262 21.93 7.56 -12.76
CA ARG A 262 22.03 8.37 -13.99
C ARG A 262 21.02 9.54 -13.86
N LYS A 263 20.11 9.49 -12.86
CA LYS A 263 19.30 10.68 -12.43
C LYS A 263 20.19 11.75 -11.76
N ARG A 264 21.27 12.18 -12.41
CA ARG A 264 22.32 13.03 -11.79
C ARG A 264 21.76 14.45 -11.69
N LYS A 265 20.62 14.63 -12.30
CA LYS A 265 19.81 15.86 -12.24
C LYS A 265 19.59 16.32 -10.79
N TYR A 266 19.38 15.38 -9.86
CA TYR A 266 18.91 15.69 -8.49
C TYR A 266 20.07 16.22 -7.63
N PHE A 267 21.33 15.97 -8.09
CA PHE A 267 22.56 16.00 -7.27
C PHE A 267 23.52 17.08 -7.77
N HIS A 268 24.59 17.33 -7.00
CA HIS A 268 25.75 18.20 -7.38
C HIS A 268 27.01 17.69 -6.67
N HIS A 269 28.07 17.33 -7.41
CA HIS A 269 29.13 16.38 -6.96
C HIS A 269 28.45 15.29 -6.10
N ASP A 270 28.88 15.02 -4.88
CA ASP A 270 28.31 13.86 -4.12
C ASP A 270 27.23 14.31 -3.12
N ARG A 271 26.68 15.51 -3.29
CA ARG A 271 25.58 16.02 -2.40
C ARG A 271 24.27 16.08 -3.21
N LEU A 272 23.11 15.95 -2.54
CA LEU A 272 21.80 16.44 -3.05
C LEU A 272 21.96 17.92 -3.44
N ASP A 273 21.49 18.31 -4.62
CA ASP A 273 21.58 19.71 -5.14
C ASP A 273 20.35 20.48 -4.64
N TRP A 274 20.39 20.94 -3.39
CA TRP A 274 19.24 21.38 -2.55
C TRP A 274 19.68 22.54 -1.64
N ASP A 275 19.34 23.79 -1.98
CA ASP A 275 19.50 24.98 -1.10
C ASP A 275 18.67 24.74 0.18
N GLU A 276 19.31 24.17 1.19
CA GLU A 276 18.81 23.94 2.56
C GLU A 276 18.28 25.29 3.13
N HIS A 277 18.87 26.40 2.71
CA HIS A 277 18.65 27.77 3.25
C HIS A 277 17.60 28.55 2.43
N SER A 278 17.12 28.02 1.30
CA SER A 278 15.92 28.54 0.59
C SER A 278 14.70 28.39 1.51
N SER A 279 13.58 29.02 1.17
CA SER A 279 12.35 28.98 1.99
C SER A 279 11.69 27.60 1.82
N ALA A 280 11.99 26.91 0.71
CA ALA A 280 11.49 25.53 0.42
C ALA A 280 12.26 24.51 1.28
N GLY A 281 13.55 24.76 1.53
CA GLY A 281 14.43 23.93 2.38
C GLY A 281 14.17 24.12 3.86
N ARG A 282 13.90 25.36 4.29
CA ARG A 282 13.55 25.67 5.69
C ARG A 282 12.13 25.11 5.98
N TYR A 283 11.30 24.91 4.94
CA TYR A 283 9.99 24.18 5.02
C TYR A 283 10.18 22.72 5.46
N VAL A 284 10.98 21.96 4.67
CA VAL A 284 11.34 20.52 4.85
C VAL A 284 11.94 20.29 6.25
N SER A 285 12.97 21.07 6.58
CA SER A 285 13.61 21.20 7.91
C SER A 285 12.57 21.28 9.02
N ARG A 286 11.66 22.25 8.94
CA ARG A 286 10.56 22.51 9.92
C ARG A 286 9.57 21.31 9.94
N ALA A 287 9.28 20.73 8.76
CA ALA A 287 8.26 19.68 8.54
C ALA A 287 8.81 18.31 8.97
N CYS A 288 10.11 18.12 8.82
CA CYS A 288 10.82 16.82 8.99
C CYS A 288 11.75 16.85 10.22
N LYS A 289 11.83 15.72 10.94
CA LYS A 289 12.79 15.51 12.05
C LYS A 289 13.33 14.08 11.94
N PRO A 290 14.50 13.78 12.54
CA PRO A 290 14.99 12.39 12.57
C PRO A 290 13.81 11.48 12.94
N LEU A 291 13.71 10.35 12.27
CA LEU A 291 12.61 9.38 12.37
C LEU A 291 12.16 9.17 13.83
N LYS A 292 13.10 8.91 14.74
CA LYS A 292 12.81 8.45 16.12
C LYS A 292 12.08 9.56 16.89
N GLU A 293 12.12 10.80 16.42
CA GLU A 293 11.46 11.95 17.06
C GLU A 293 9.95 12.00 16.78
N PHE A 294 9.46 11.26 15.79
CA PHE A 294 8.02 11.08 15.54
C PHE A 294 7.41 10.17 16.61
N MET A 295 8.20 9.53 17.47
CA MET A 295 7.63 8.58 18.46
C MET A 295 6.72 9.35 19.41
N LEU A 296 5.56 8.80 19.71
CA LEU A 296 4.59 9.45 20.61
C LEU A 296 4.84 8.98 22.05
N SER A 297 5.67 7.97 22.23
CA SER A 297 5.94 7.30 23.53
C SER A 297 7.36 6.73 23.46
N GLN A 298 8.10 6.79 24.58
CA GLN A 298 9.43 6.14 24.76
C GLN A 298 9.25 4.68 25.24
N ASP A 299 8.00 4.28 25.42
CA ASP A 299 7.54 2.91 25.74
C ASP A 299 8.15 1.93 24.74
N VAL A 300 8.69 0.82 25.25
CA VAL A 300 9.49 -0.23 24.54
C VAL A 300 8.75 -0.74 23.29
N GLU A 301 7.45 -1.05 23.38
CA GLU A 301 6.66 -1.52 22.19
C GLU A 301 6.72 -0.47 21.06
N HIS A 302 6.66 0.83 21.38
CA HIS A 302 6.83 1.91 20.37
C HIS A 302 8.29 1.87 19.85
N GLU A 303 9.27 1.59 20.73
CA GLU A 303 10.68 1.37 20.34
C GLU A 303 10.82 0.16 19.41
N ARG A 304 10.11 -0.92 19.71
CA ARG A 304 10.17 -2.10 18.82
C ARG A 304 9.67 -1.75 17.42
N LEU A 305 8.48 -1.13 17.31
CA LEU A 305 7.92 -0.74 16.00
C LEU A 305 8.95 0.10 15.22
N PHE A 306 9.46 1.17 15.81
CA PHE A 306 10.35 2.13 15.13
C PHE A 306 11.68 1.49 14.70
N ASP A 307 12.20 0.50 15.45
CA ASP A 307 13.41 -0.25 15.05
C ASP A 307 13.09 -1.04 13.78
N LEU A 308 11.94 -1.69 13.76
CA LEU A 308 11.47 -2.37 12.55
C LEU A 308 11.33 -1.36 11.41
N ILE A 309 10.60 -0.24 11.64
CA ILE A 309 10.36 0.80 10.58
C ILE A 309 11.73 1.26 10.06
N GLN A 310 12.66 1.56 10.94
CA GLN A 310 13.98 2.06 10.51
C GLN A 310 14.68 1.00 9.62
N LYS A 311 14.53 -0.30 9.93
CA LYS A 311 15.15 -1.37 9.12
C LYS A 311 14.47 -1.45 7.75
N MET A 312 13.17 -1.28 7.72
CA MET A 312 12.42 -1.27 6.48
C MET A 312 12.87 -0.10 5.66
N LEU A 313 13.32 1.00 6.26
CA LEU A 313 13.71 2.19 5.48
C LEU A 313 15.24 2.28 5.32
N GLU A 314 15.96 1.19 5.52
CA GLU A 314 17.34 1.07 5.00
C GLU A 314 17.38 1.53 3.53
N TYR A 315 18.31 2.43 3.25
CA TYR A 315 18.41 3.06 1.93
C TYR A 315 18.87 2.03 0.90
N ASP A 316 19.85 1.19 1.28
CA ASP A 316 20.51 0.22 0.36
C ASP A 316 19.63 -1.02 0.32
N PRO A 317 18.94 -1.26 -0.82
CA PRO A 317 18.05 -2.41 -0.97
C PRO A 317 18.79 -3.74 -0.84
N ALA A 318 20.11 -3.79 -0.98
CA ALA A 318 20.81 -5.07 -0.73
C ALA A 318 20.88 -5.27 0.79
N LYS A 319 20.99 -4.19 1.56
CA LYS A 319 21.07 -4.23 3.04
C LYS A 319 19.65 -4.25 3.65
N ARG A 320 18.60 -3.81 2.95
CA ARG A 320 17.24 -3.72 3.54
C ARG A 320 16.82 -5.08 4.14
N ILE A 321 16.23 -5.05 5.33
CA ILE A 321 15.56 -6.25 5.92
C ILE A 321 14.60 -6.90 4.90
N THR A 322 14.60 -8.24 4.87
CA THR A 322 13.58 -9.06 4.18
C THR A 322 12.33 -9.21 5.07
N LEU A 323 11.19 -9.47 4.46
CA LEU A 323 9.94 -9.76 5.17
C LEU A 323 10.10 -11.09 5.93
N ARG A 324 10.89 -12.03 5.40
CA ARG A 324 11.24 -13.25 6.17
C ARG A 324 11.80 -12.86 7.55
N GLU A 325 12.87 -12.04 7.59
CA GLU A 325 13.53 -11.52 8.85
C GLU A 325 12.50 -10.68 9.61
N ALA A 326 11.73 -9.84 8.91
CA ALA A 326 10.76 -8.90 9.48
C ALA A 326 9.75 -9.64 10.33
N LEU A 327 9.23 -10.75 9.81
CA LEU A 327 8.20 -11.52 10.54
C LEU A 327 8.78 -12.02 11.86
N LYS A 328 10.11 -12.05 12.01
CA LYS A 328 10.77 -12.58 13.22
C LYS A 328 11.11 -11.44 14.20
N HIS A 329 10.90 -10.18 13.81
CA HIS A 329 11.30 -8.98 14.62
C HIS A 329 10.64 -9.06 16.00
N PRO A 330 11.31 -8.60 17.06
CA PRO A 330 10.70 -8.50 18.39
C PRO A 330 9.36 -7.73 18.50
N PHE A 331 9.02 -6.84 17.54
CA PHE A 331 7.74 -6.08 17.57
C PHE A 331 6.57 -7.08 17.59
N PHE A 332 6.75 -8.24 16.97
CA PHE A 332 5.73 -9.30 16.77
C PHE A 332 5.70 -10.32 17.91
N ASP A 333 6.74 -10.41 18.71
CA ASP A 333 6.85 -11.40 19.84
C ASP A 333 5.53 -11.44 20.62
N LEU A 334 4.94 -10.27 20.83
CA LEU A 334 3.70 -10.14 21.62
C LEU A 334 2.59 -10.93 20.94
N LEU A 335 2.65 -11.11 19.62
CA LEU A 335 1.64 -11.93 18.89
C LEU A 335 1.85 -13.43 19.16
N LYS A 336 3.06 -13.81 19.58
CA LYS A 336 3.47 -15.23 19.69
C LYS A 336 3.49 -15.67 21.16
N LYS A 337 2.96 -14.86 22.09
CA LYS A 337 2.83 -15.21 23.53
C LYS A 337 2.01 -16.48 23.68
N SER A 338 2.47 -17.41 24.52
CA SER A 338 1.90 -18.76 24.67
C SER A 338 2.24 -19.37 26.05
N ILE A 339 2.54 -18.54 27.06
CA ILE A 339 2.71 -18.98 28.49
C ILE A 339 1.67 -18.27 29.38
#